data_2Z5T
#
_entry.id   2Z5T
#
_cell.length_a   81.080
_cell.length_b   30.540
_cell.length_c   101.100
_cell.angle_alpha   90.00
_cell.angle_beta   102.94
_cell.angle_gamma   90.00
#
_symmetry.space_group_name_H-M   'P 1 21 1'
#
loop_
_entity.id
_entity.type
_entity.pdbx_description
1 polymer 'Mdm4 protein'
2 polymer 'Cellular tumor antigen p53'
3 water water
#
loop_
_entity_poly.entity_id
_entity_poly.type
_entity_poly.pdbx_seq_one_letter_code
_entity_poly.pdbx_strand_id
1 'polypeptide(L)'
;MAHHHHHHDDDDKIRTLPGEGTQVHPRAPLLQILKVAGAQEEVFTVKEVMHYLGQYIMMKQLYDKQRQHIVHCHDDPLGE
LLEVGSFSVKNPSPLYEMLKRNLVILNNSDAAKNLSVGKDSNESPSEDPGQVSSGSINSA
;
M,N,O
2 'polypeptide(L)' SQETFSDLWKLLPEN P,Q,R
#
# COMPACT_ATOMS: atom_id res chain seq x y z
N PRO A 18 15.37 -6.51 13.97
CA PRO A 18 15.57 -5.59 12.85
C PRO A 18 14.71 -4.34 12.98
N GLY A 19 15.34 -3.22 13.33
CA GLY A 19 14.61 -1.98 13.62
C GLY A 19 14.96 -0.77 12.77
N GLU A 20 16.25 -0.62 12.46
CA GLU A 20 16.77 0.56 11.75
C GLU A 20 16.30 0.64 10.29
N GLY A 21 14.99 0.85 10.11
CA GLY A 21 14.36 0.87 8.78
C GLY A 21 14.83 -0.24 7.87
N THR A 22 15.22 -1.37 8.48
CA THR A 22 15.83 -2.53 7.80
C THR A 22 14.96 -3.02 6.64
N GLN A 23 15.59 -3.35 5.52
CA GLN A 23 14.88 -3.89 4.35
C GLN A 23 14.91 -5.41 4.33
N VAL A 24 13.75 -6.01 4.12
CA VAL A 24 13.60 -7.47 4.21
C VAL A 24 12.82 -8.07 3.02
N HIS A 25 13.16 -9.32 2.71
CA HIS A 25 12.39 -10.12 1.80
C HIS A 25 11.72 -11.24 2.62
N PRO A 26 10.38 -11.25 2.70
CA PRO A 26 9.70 -12.32 3.43
C PRO A 26 9.67 -13.65 2.69
N ARG A 27 9.81 -14.75 3.42
CA ARG A 27 9.68 -16.08 2.84
C ARG A 27 8.28 -16.28 2.24
N ALA A 28 8.19 -17.19 1.27
CA ALA A 28 6.95 -17.45 0.52
C ALA A 28 5.65 -17.53 1.33
N PRO A 29 5.61 -18.32 2.42
CA PRO A 29 4.35 -18.44 3.14
C PRO A 29 3.87 -17.12 3.73
N LEU A 30 4.79 -16.32 4.28
CA LEU A 30 4.49 -14.98 4.79
C LEU A 30 4.17 -13.97 3.67
N LEU A 31 4.94 -14.03 2.59
CA LEU A 31 4.66 -13.19 1.42
C LEU A 31 3.25 -13.40 0.86
N GLN A 32 2.79 -14.64 0.78
CA GLN A 32 1.42 -14.92 0.32
C GLN A 32 0.35 -14.19 1.14
N ILE A 33 0.57 -14.15 2.46
CA ILE A 33 -0.33 -13.49 3.41
C ILE A 33 -0.38 -11.96 3.21
N LEU A 34 0.78 -11.35 3.00
CA LEU A 34 0.86 -9.91 2.81
C LEU A 34 0.22 -9.50 1.50
N LYS A 35 0.33 -10.34 0.47
CA LYS A 35 -0.27 -10.04 -0.85
C LYS A 35 -1.79 -10.13 -0.84
N VAL A 36 -2.32 -11.02 0.00
CA VAL A 36 -3.77 -11.11 0.27
C VAL A 36 -4.24 -9.81 0.94
N ALA A 37 -3.44 -9.31 1.88
CA ALA A 37 -3.69 -8.05 2.57
C ALA A 37 -3.53 -6.81 1.69
N GLY A 38 -3.10 -7.01 0.45
CA GLY A 38 -3.05 -5.93 -0.54
C GLY A 38 -1.67 -5.48 -0.99
N ALA A 39 -0.62 -6.07 -0.43
CA ALA A 39 0.76 -5.68 -0.75
C ALA A 39 1.15 -6.10 -2.16
N GLN A 40 1.60 -5.13 -2.95
CA GLN A 40 2.11 -5.41 -4.29
C GLN A 40 3.62 -5.15 -4.27
N GLU A 41 4.31 -6.06 -3.59
CA GLU A 41 5.66 -5.79 -3.14
C GLU A 41 6.43 -7.09 -2.89
N GLU A 42 7.74 -7.01 -3.04
CA GLU A 42 8.63 -8.11 -2.76
C GLU A 42 9.62 -7.73 -1.64
N VAL A 43 9.86 -6.43 -1.50
CA VAL A 43 10.75 -5.85 -0.49
C VAL A 43 9.94 -4.98 0.47
N PHE A 44 10.24 -5.10 1.77
CA PHE A 44 9.53 -4.40 2.85
C PHE A 44 10.50 -3.95 3.95
N THR A 45 10.11 -2.91 4.68
CA THR A 45 10.65 -2.71 6.03
C THR A 45 9.77 -3.51 7.01
N VAL A 46 10.29 -3.76 8.20
CA VAL A 46 9.52 -4.42 9.26
C VAL A 46 8.21 -3.66 9.55
N LYS A 47 8.29 -2.33 9.54
CA LYS A 47 7.13 -1.46 9.74
C LYS A 47 6.04 -1.74 8.70
N GLU A 48 6.46 -1.88 7.44
CA GLU A 48 5.55 -2.21 6.32
C GLU A 48 4.94 -3.62 6.46
N VAL A 49 5.74 -4.58 6.93
CA VAL A 49 5.26 -5.93 7.18
C VAL A 49 4.16 -5.91 8.27
N MET A 50 4.43 -5.22 9.38
CA MET A 50 3.46 -5.08 10.47
C MET A 50 2.19 -4.39 10.01
N HIS A 51 2.34 -3.39 9.15
CA HIS A 51 1.19 -2.71 8.55
C HIS A 51 0.30 -3.73 7.86
N TYR A 52 0.89 -4.55 6.98
CA TYR A 52 0.11 -5.52 6.19
C TYR A 52 -0.41 -6.70 7.01
N LEU A 53 0.28 -7.05 8.08
CA LEU A 53 -0.23 -8.07 9.02
C LEU A 53 -1.51 -7.59 9.73
N GLY A 54 -1.49 -6.35 10.23
CA GLY A 54 -2.69 -5.72 10.79
C GLY A 54 -3.83 -5.63 9.78
N GLN A 55 -3.48 -5.23 8.56
CA GLN A 55 -4.46 -5.18 7.46
C GLN A 55 -5.16 -6.51 7.29
N TYR A 56 -4.36 -7.59 7.30
CA TYR A 56 -4.82 -8.97 7.07
C TYR A 56 -5.79 -9.44 8.15
N ILE A 57 -5.40 -9.25 9.40
CA ILE A 57 -6.22 -9.65 10.55
C ILE A 57 -7.55 -8.90 10.52
N MET A 58 -7.46 -7.61 10.15
CA MET A 58 -8.60 -6.72 10.08
C MET A 58 -9.55 -7.15 8.98
N MET A 59 -9.02 -7.37 7.77
CA MET A 59 -9.88 -7.68 6.63
C MET A 59 -10.46 -9.09 6.66
N LYS A 60 -9.73 -10.02 7.26
CA LYS A 60 -10.25 -11.37 7.49
C LYS A 60 -10.97 -11.49 8.85
N GLN A 61 -11.04 -10.37 9.58
CA GLN A 61 -11.78 -10.27 10.85
C GLN A 61 -11.37 -11.36 11.84
N LEU A 62 -10.08 -11.51 12.05
CA LEU A 62 -9.59 -12.61 12.88
C LEU A 62 -9.65 -12.29 14.36
N TYR A 63 -9.66 -11.00 14.70
CA TYR A 63 -9.74 -10.57 16.08
C TYR A 63 -11.07 -10.98 16.71
N ASP A 64 -11.04 -11.25 18.01
CA ASP A 64 -12.23 -11.52 18.81
C ASP A 64 -13.14 -10.28 18.79
N LYS A 65 -14.43 -10.48 18.52
CA LYS A 65 -15.40 -9.37 18.44
C LYS A 65 -15.51 -8.59 19.73
N GLN A 66 -15.50 -9.32 20.85
CA GLN A 66 -15.69 -8.75 22.18
C GLN A 66 -14.40 -8.26 22.83
N ARG A 67 -13.31 -8.98 22.63
CA ARG A 67 -12.05 -8.64 23.31
C ARG A 67 -10.97 -8.54 22.25
N GLN A 68 -10.86 -7.35 21.66
CA GLN A 68 -10.26 -7.17 20.35
C GLN A 68 -8.73 -7.19 20.29
N HIS A 69 -8.09 -7.34 21.45
CA HIS A 69 -6.65 -7.59 21.54
C HIS A 69 -6.34 -9.08 21.28
N ILE A 70 -7.37 -9.93 21.32
CA ILE A 70 -7.22 -11.36 21.08
C ILE A 70 -7.47 -11.67 19.60
N VAL A 71 -6.52 -12.35 18.96
CA VAL A 71 -6.62 -12.70 17.55
C VAL A 71 -6.76 -14.22 17.41
N HIS A 72 -7.82 -14.67 16.74
CA HIS A 72 -8.07 -16.10 16.56
C HIS A 72 -7.59 -16.55 15.19
N CYS A 73 -6.41 -17.15 15.15
CA CYS A 73 -5.75 -17.44 13.88
C CYS A 73 -5.76 -18.93 13.53
N HIS A 74 -6.43 -19.73 14.37
CA HIS A 74 -6.60 -21.15 14.08
C HIS A 74 -7.39 -21.29 12.78
N ASP A 75 -7.11 -22.36 12.02
CA ASP A 75 -7.78 -22.61 10.74
C ASP A 75 -7.67 -21.42 9.75
N ASP A 76 -6.56 -20.71 9.84
CA ASP A 76 -6.20 -19.69 8.87
C ASP A 76 -4.72 -19.86 8.58
N PRO A 77 -4.29 -19.60 7.33
CA PRO A 77 -2.87 -19.62 6.99
C PRO A 77 -1.96 -18.86 7.97
N LEU A 78 -2.49 -17.81 8.59
CA LEU A 78 -1.72 -17.06 9.59
C LEU A 78 -1.38 -17.93 10.81
N GLY A 79 -2.33 -18.75 11.26
CA GLY A 79 -2.07 -19.73 12.31
C GLY A 79 -0.97 -20.73 11.97
N GLU A 80 -0.89 -21.14 10.70
CA GLU A 80 0.17 -22.06 10.26
C GLU A 80 1.55 -21.45 10.52
N LEU A 81 1.70 -20.16 10.24
CA LEU A 81 2.97 -19.45 10.42
C LEU A 81 3.31 -19.16 11.89
N LEU A 82 2.29 -18.76 12.65
CA LEU A 82 2.46 -18.40 14.05
C LEU A 82 2.63 -19.62 14.93
N GLU A 83 2.01 -20.73 14.51
CA GLU A 83 2.12 -22.03 15.19
C GLU A 83 1.36 -22.06 16.51
N VAL A 84 0.43 -21.12 16.66
CA VAL A 84 -0.49 -21.03 17.79
C VAL A 84 -1.92 -20.84 17.26
N GLY A 85 -2.90 -21.24 18.06
CA GLY A 85 -4.32 -21.10 17.71
C GLY A 85 -4.84 -19.70 17.88
N SER A 86 -4.23 -18.97 18.81
CA SER A 86 -4.57 -17.58 19.07
C SER A 86 -3.41 -16.88 19.77
N PHE A 87 -3.50 -15.55 19.82
CA PHE A 87 -2.52 -14.76 20.55
C PHE A 87 -3.14 -13.42 20.93
N SER A 88 -2.53 -12.78 21.92
CA SER A 88 -2.85 -11.42 22.31
C SER A 88 -1.87 -10.44 21.65
N VAL A 89 -2.37 -9.30 21.18
CA VAL A 89 -1.49 -8.26 20.62
C VAL A 89 -0.62 -7.61 21.70
N LYS A 90 -1.03 -7.74 22.97
CA LYS A 90 -0.24 -7.33 24.14
C LYS A 90 0.76 -8.41 24.62
N ASN A 91 0.75 -9.58 23.97
CA ASN A 91 1.73 -10.64 24.21
C ASN A 91 2.31 -11.08 22.86
N PRO A 92 2.93 -10.14 22.13
CA PRO A 92 3.15 -10.32 20.69
C PRO A 92 4.34 -11.20 20.31
N SER A 93 4.97 -11.83 21.31
CA SER A 93 6.11 -12.73 21.11
C SER A 93 5.96 -13.79 19.97
N PRO A 94 4.81 -14.49 19.88
CA PRO A 94 4.63 -15.43 18.75
C PRO A 94 4.75 -14.77 17.38
N LEU A 95 4.33 -13.51 17.30
CA LEU A 95 4.41 -12.73 16.09
C LEU A 95 5.85 -12.42 15.70
N TYR A 96 6.61 -11.88 16.65
CA TYR A 96 8.01 -11.52 16.42
C TYR A 96 8.88 -12.75 16.13
N GLU A 97 8.60 -13.85 16.81
CA GLU A 97 9.26 -15.14 16.56
C GLU A 97 8.97 -15.65 15.15
N MET A 98 7.71 -15.65 14.75
CA MET A 98 7.31 -15.96 13.38
C MET A 98 8.10 -15.14 12.36
N LEU A 99 8.19 -13.82 12.58
CA LEU A 99 8.94 -12.92 11.69
C LEU A 99 10.44 -13.21 11.65
N LYS A 100 11.01 -13.64 12.77
CA LYS A 100 12.41 -14.05 12.80
C LYS A 100 12.64 -15.25 11.88
N ARG A 101 11.67 -16.17 11.85
CA ARG A 101 11.76 -17.33 10.97
C ARG A 101 11.43 -17.01 9.52
N ASN A 102 10.68 -15.94 9.30
CA ASN A 102 10.06 -15.71 7.99
C ASN A 102 10.54 -14.49 7.19
N LEU A 103 11.55 -13.80 7.73
CA LEU A 103 12.12 -12.65 7.05
C LEU A 103 13.61 -12.85 6.74
N VAL A 104 13.98 -12.54 5.50
CA VAL A 104 15.37 -12.54 5.06
C VAL A 104 15.85 -11.09 5.00
N ILE A 105 16.92 -10.79 5.72
CA ILE A 105 17.45 -9.43 5.78
C ILE A 105 18.19 -9.06 4.50
N LEU A 106 17.80 -7.93 3.91
CA LEU A 106 18.49 -7.33 2.77
C LEU A 106 19.20 -6.08 3.26
N GLU B 3 -9.44 -0.64 22.70
CA GLU B 3 -10.83 -1.15 22.55
C GLU B 3 -11.07 -1.78 21.18
N THR B 4 -10.75 -1.05 20.13
CA THR B 4 -10.85 -1.53 18.73
C THR B 4 -9.53 -2.21 18.33
N PHE B 5 -9.58 -3.28 17.53
CA PHE B 5 -8.36 -3.99 17.13
C PHE B 5 -7.34 -3.06 16.48
N SER B 6 -7.83 -2.16 15.64
CA SER B 6 -7.02 -1.20 14.92
C SER B 6 -6.34 -0.19 15.86
N ASP B 7 -7.03 0.23 16.92
CA ASP B 7 -6.43 1.07 17.96
C ASP B 7 -5.28 0.31 18.62
N LEU B 8 -5.58 -0.91 19.08
CA LEU B 8 -4.62 -1.81 19.74
C LEU B 8 -3.39 -2.15 18.88
N TRP B 9 -3.61 -2.53 17.62
CA TRP B 9 -2.53 -2.87 16.71
C TRP B 9 -1.53 -1.72 16.53
N LYS B 10 -2.03 -0.49 16.41
CA LYS B 10 -1.21 0.70 16.26
C LYS B 10 -0.21 0.86 17.40
N LEU B 11 -0.62 0.42 18.59
CA LEU B 11 0.20 0.51 19.80
C LEU B 11 1.07 -0.74 20.00
N LEU B 12 1.60 -1.28 18.90
CA LEU B 12 2.56 -2.39 18.97
C LEU B 12 3.99 -1.83 19.01
N PRO B 13 4.77 -2.23 20.03
CA PRO B 13 6.13 -1.72 20.24
C PRO B 13 7.02 -1.88 19.03
N ILE C 14 9.52 11.02 -25.55
CA ILE C 14 9.23 11.92 -24.38
C ILE C 14 10.29 13.01 -24.26
N ARG C 15 9.82 14.26 -24.25
CA ARG C 15 10.69 15.42 -24.01
C ARG C 15 10.83 15.69 -22.51
N THR C 16 9.72 15.57 -21.77
CA THR C 16 9.74 15.75 -20.32
C THR C 16 8.86 14.73 -19.60
N LEU C 17 9.35 14.23 -18.47
CA LEU C 17 8.61 13.33 -17.61
C LEU C 17 7.51 14.08 -16.86
N PRO C 18 6.23 13.74 -17.13
CA PRO C 18 5.10 14.36 -16.44
C PRO C 18 4.97 13.88 -14.99
N GLY C 19 4.58 14.78 -14.09
CA GLY C 19 4.63 14.50 -12.65
C GLY C 19 3.45 14.91 -11.78
N GLU C 20 2.23 14.68 -12.26
CA GLU C 20 1.02 14.90 -11.47
C GLU C 20 -0.01 13.80 -11.71
N GLY C 21 0.39 12.56 -11.49
CA GLY C 21 -0.49 11.43 -11.64
C GLY C 21 -0.75 11.02 -13.08
N THR C 22 -0.14 11.74 -14.02
CA THR C 22 -0.16 11.36 -15.43
C THR C 22 0.25 9.90 -15.52
N GLN C 23 -0.53 9.13 -16.28
CA GLN C 23 -0.32 7.69 -16.36
C GLN C 23 0.62 7.35 -17.50
N VAL C 24 1.49 6.37 -17.25
CA VAL C 24 2.45 5.92 -18.24
C VAL C 24 2.43 4.39 -18.38
N HIS C 25 2.72 3.93 -19.58
CA HIS C 25 2.91 2.51 -19.84
C HIS C 25 4.40 2.26 -20.09
N PRO C 26 5.05 1.49 -19.21
CA PRO C 26 6.46 1.16 -19.45
C PRO C 26 6.62 0.17 -20.60
N ARG C 27 7.70 0.30 -21.36
CA ARG C 27 8.02 -0.64 -22.43
C ARG C 27 8.48 -1.95 -21.80
N ALA C 28 8.35 -3.04 -22.55
CA ALA C 28 8.60 -4.40 -22.06
C ALA C 28 9.84 -4.62 -21.15
N PRO C 29 11.04 -4.16 -21.57
CA PRO C 29 12.24 -4.33 -20.72
C PRO C 29 12.18 -3.63 -19.36
N LEU C 30 11.64 -2.41 -19.32
CA LEU C 30 11.40 -1.73 -18.05
C LEU C 30 10.28 -2.43 -17.24
N LEU C 31 9.14 -2.70 -17.88
CA LEU C 31 8.02 -3.38 -17.23
C LEU C 31 8.44 -4.68 -16.53
N GLN C 32 9.25 -5.48 -17.22
CA GLN C 32 9.73 -6.75 -16.71
C GLN C 32 10.50 -6.62 -15.39
N ILE C 33 11.25 -5.52 -15.26
CA ILE C 33 12.02 -5.21 -14.05
C ILE C 33 11.12 -4.77 -12.86
N LEU C 34 10.07 -4.02 -13.17
CA LEU C 34 9.13 -3.56 -12.14
C LEU C 34 8.30 -4.72 -11.59
N LYS C 35 7.99 -5.69 -12.46
CA LYS C 35 7.23 -6.88 -12.08
C LYS C 35 8.05 -7.82 -11.21
N VAL C 36 9.36 -7.84 -11.44
CA VAL C 36 10.32 -8.55 -10.57
C VAL C 36 10.29 -7.97 -9.14
N ALA C 37 10.14 -6.66 -9.02
CA ALA C 37 10.05 -6.00 -7.72
C ALA C 37 8.63 -6.00 -7.10
N GLY C 38 7.69 -6.68 -7.75
CA GLY C 38 6.37 -6.92 -7.19
C GLY C 38 5.18 -6.20 -7.83
N ALA C 39 5.43 -5.36 -8.82
CA ALA C 39 4.37 -4.59 -9.49
C ALA C 39 3.40 -5.50 -10.26
N GLN C 40 2.11 -5.17 -10.17
CA GLN C 40 1.01 -5.99 -10.71
C GLN C 40 0.40 -5.34 -11.95
N GLU C 41 0.33 -4.01 -11.92
CA GLU C 41 -0.28 -3.20 -12.96
C GLU C 41 0.58 -3.21 -14.21
N GLU C 42 0.01 -2.70 -15.31
CA GLU C 42 0.76 -2.44 -16.54
C GLU C 42 0.80 -0.94 -16.75
N VAL C 43 -0.02 -0.23 -15.97
CA VAL C 43 -0.14 1.24 -16.02
C VAL C 43 0.37 1.83 -14.71
N PHE C 44 1.17 2.91 -14.79
CA PHE C 44 1.86 3.46 -13.63
C PHE C 44 1.88 4.98 -13.65
N THR C 45 2.16 5.57 -12.50
CA THR C 45 2.65 6.95 -12.46
C THR C 45 4.19 6.88 -12.49
N VAL C 46 4.84 7.95 -12.94
CA VAL C 46 6.30 8.05 -12.90
C VAL C 46 6.81 7.83 -11.48
N LYS C 47 6.04 8.30 -10.49
CA LYS C 47 6.31 8.07 -9.08
C LYS C 47 6.39 6.58 -8.75
N GLU C 48 5.42 5.82 -9.28
CA GLU C 48 5.35 4.37 -9.08
C GLU C 48 6.50 3.62 -9.76
N VAL C 49 6.88 4.05 -10.96
CA VAL C 49 8.02 3.48 -11.69
C VAL C 49 9.28 3.68 -10.85
N MET C 50 9.50 4.91 -10.39
CA MET C 50 10.67 5.26 -9.55
C MET C 50 10.73 4.40 -8.30
N HIS C 51 9.56 4.20 -7.69
CA HIS C 51 9.42 3.37 -6.50
C HIS C 51 9.91 1.94 -6.75
N TYR C 52 9.37 1.31 -7.79
CA TYR C 52 9.67 -0.11 -8.08
C TYR C 52 11.10 -0.36 -8.52
N LEU C 53 11.68 0.59 -9.26
CA LEU C 53 13.12 0.57 -9.58
C LEU C 53 14.00 0.55 -8.33
N GLY C 54 13.71 1.43 -7.38
CA GLY C 54 14.41 1.44 -6.09
C GLY C 54 14.26 0.16 -5.29
N GLN C 55 13.07 -0.43 -5.32
CA GLN C 55 12.84 -1.73 -4.65
C GLN C 55 13.61 -2.83 -5.35
N TYR C 56 13.64 -2.77 -6.69
CA TYR C 56 14.38 -3.74 -7.49
C TYR C 56 15.88 -3.74 -7.12
N ILE C 57 16.46 -2.55 -7.03
CA ILE C 57 17.87 -2.37 -6.71
C ILE C 57 18.18 -2.90 -5.30
N MET C 58 17.21 -2.75 -4.40
CA MET C 58 17.31 -3.27 -3.05
C MET C 58 17.27 -4.80 -3.05
N MET C 59 16.23 -5.36 -3.67
CA MET C 59 16.05 -6.82 -3.65
C MET C 59 17.15 -7.58 -4.38
N LYS C 60 17.76 -6.94 -5.38
CA LYS C 60 18.86 -7.56 -6.11
C LYS C 60 20.23 -7.12 -5.58
N GLN C 61 20.21 -6.28 -4.55
CA GLN C 61 21.43 -5.80 -3.87
C GLN C 61 22.49 -5.29 -4.85
N LEU C 62 22.10 -4.34 -5.71
CA LEU C 62 22.99 -3.86 -6.77
C LEU C 62 23.85 -2.69 -6.30
N TYR C 63 23.43 -2.05 -5.22
CA TYR C 63 24.14 -0.89 -4.68
C TYR C 63 25.37 -1.32 -3.88
N ASP C 64 26.40 -0.47 -3.91
CA ASP C 64 27.62 -0.66 -3.15
C ASP C 64 27.34 -0.53 -1.66
N LYS C 65 27.82 -1.51 -0.89
CA LYS C 65 27.62 -1.55 0.56
C LYS C 65 28.32 -0.40 1.30
N GLN C 66 29.44 0.05 0.74
CA GLN C 66 30.22 1.17 1.28
C GLN C 66 29.68 2.52 0.79
N ARG C 67 29.67 2.72 -0.52
CA ARG C 67 29.15 3.95 -1.12
C ARG C 67 27.76 3.67 -1.68
N GLN C 68 26.73 3.86 -0.86
CA GLN C 68 25.39 3.35 -1.17
C GLN C 68 24.64 4.13 -2.27
N HIS C 69 25.23 5.24 -2.70
CA HIS C 69 24.72 5.98 -3.86
C HIS C 69 25.13 5.32 -5.19
N ILE C 70 26.08 4.40 -5.13
CA ILE C 70 26.62 3.75 -6.32
C ILE C 70 25.90 2.44 -6.60
N VAL C 71 25.34 2.32 -7.80
CA VAL C 71 24.63 1.13 -8.22
C VAL C 71 25.43 0.38 -9.28
N HIS C 72 25.81 -0.86 -8.97
CA HIS C 72 26.58 -1.68 -9.89
C HIS C 72 25.65 -2.51 -10.78
N CYS C 73 25.29 -1.98 -11.94
CA CYS C 73 24.29 -2.61 -12.80
C CYS C 73 24.85 -3.32 -14.04
N HIS C 74 26.17 -3.42 -14.14
CA HIS C 74 26.81 -4.23 -15.17
C HIS C 74 26.40 -5.69 -14.99
N ASP C 75 26.06 -6.35 -16.09
CA ASP C 75 25.61 -7.74 -16.06
C ASP C 75 24.31 -7.98 -15.27
N ASP C 76 23.46 -6.94 -15.26
CA ASP C 76 22.07 -7.01 -14.81
C ASP C 76 21.24 -6.39 -15.93
N PRO C 77 20.00 -6.88 -16.18
CA PRO C 77 19.13 -6.29 -17.20
C PRO C 77 18.98 -4.76 -17.10
N LEU C 78 19.09 -4.23 -15.87
CA LEU C 78 18.96 -2.81 -15.61
C LEU C 78 20.09 -1.98 -16.21
N GLY C 79 21.29 -2.56 -16.26
CA GLY C 79 22.44 -1.93 -16.90
C GLY C 79 22.23 -1.76 -18.39
N GLU C 80 21.61 -2.75 -19.02
CA GLU C 80 21.23 -2.68 -20.43
C GLU C 80 20.27 -1.55 -20.71
N LEU C 81 19.31 -1.35 -19.81
CA LEU C 81 18.36 -0.23 -19.90
C LEU C 81 19.05 1.12 -19.75
N LEU C 82 19.84 1.24 -18.69
CA LEU C 82 20.51 2.49 -18.35
C LEU C 82 21.67 2.83 -19.28
N GLU C 83 22.15 1.82 -20.01
CA GLU C 83 23.27 1.92 -20.94
C GLU C 83 24.60 2.22 -20.26
N VAL C 84 24.65 1.98 -18.93
CA VAL C 84 25.86 2.17 -18.13
C VAL C 84 26.04 0.96 -17.22
N GLY C 85 27.29 0.67 -16.86
CA GLY C 85 27.61 -0.44 -15.96
C GLY C 85 27.63 -0.03 -14.51
N SER C 86 27.81 1.27 -14.28
CA SER C 86 27.85 1.84 -12.94
C SER C 86 26.96 3.10 -12.95
N PHE C 87 26.08 3.20 -11.97
CA PHE C 87 25.17 4.34 -11.86
C PHE C 87 25.33 5.00 -10.49
N SER C 88 25.23 6.32 -10.46
CA SER C 88 25.29 7.07 -9.19
C SER C 88 23.99 7.84 -8.97
N VAL C 89 23.35 7.62 -7.81
CA VAL C 89 22.10 8.32 -7.52
C VAL C 89 22.32 9.83 -7.27
N LYS C 90 23.54 10.20 -6.85
CA LYS C 90 23.92 11.62 -6.72
C LYS C 90 24.28 12.30 -8.05
N ASN C 91 24.25 11.53 -9.14
CA ASN C 91 24.50 12.05 -10.49
C ASN C 91 23.59 11.28 -11.45
N PRO C 92 22.27 11.45 -11.31
CA PRO C 92 21.30 10.47 -11.77
C PRO C 92 20.71 10.68 -13.17
N SER C 93 21.24 11.60 -13.96
CA SER C 93 20.65 11.88 -15.28
C SER C 93 20.51 10.67 -16.23
N PRO C 94 21.41 9.66 -16.14
CA PRO C 94 21.18 8.44 -16.94
C PRO C 94 19.83 7.76 -16.68
N LEU C 95 19.36 7.79 -15.44
CA LEU C 95 18.06 7.24 -15.07
C LEU C 95 16.92 7.95 -15.83
N TYR C 96 16.94 9.28 -15.83
CA TYR C 96 15.88 10.07 -16.46
C TYR C 96 15.82 9.87 -17.96
N GLU C 97 17.00 9.81 -18.59
CA GLU C 97 17.09 9.56 -20.03
C GLU C 97 16.53 8.20 -20.41
N MET C 98 16.72 7.21 -19.53
CA MET C 98 16.14 5.87 -19.70
C MET C 98 14.60 5.92 -19.62
N LEU C 99 14.07 6.65 -18.63
CA LEU C 99 12.62 6.73 -18.43
C LEU C 99 11.91 7.39 -19.61
N LYS C 100 12.57 8.39 -20.19
CA LYS C 100 12.11 9.00 -21.44
C LYS C 100 12.10 8.04 -22.64
N ARG C 101 12.99 7.04 -22.63
CA ARG C 101 13.03 6.02 -23.68
C ARG C 101 12.02 4.91 -23.45
N ASN C 102 11.68 4.67 -22.19
CA ASN C 102 10.96 3.46 -21.79
C ASN C 102 9.54 3.64 -21.26
N LEU C 103 8.98 4.84 -21.40
CA LEU C 103 7.60 5.11 -20.95
C LEU C 103 6.79 5.78 -22.04
N VAL C 104 5.57 5.28 -22.27
CA VAL C 104 4.63 5.93 -23.18
C VAL C 104 3.55 6.61 -22.35
N ILE C 105 3.32 7.90 -22.60
CA ILE C 105 2.39 8.69 -21.80
C ILE C 105 0.92 8.39 -22.06
N GLU D 3 23.14 8.42 3.21
CA GLU D 3 24.06 7.34 3.66
C GLU D 3 23.52 5.95 3.31
N THR D 4 22.22 5.77 3.56
CA THR D 4 21.49 4.55 3.20
C THR D 4 20.94 4.68 1.79
N PHE D 5 21.04 3.63 0.98
CA PHE D 5 20.56 3.67 -0.41
C PHE D 5 19.09 4.09 -0.54
N SER D 6 18.23 3.50 0.27
CA SER D 6 16.80 3.81 0.16
C SER D 6 16.49 5.27 0.51
N ASP D 7 17.19 5.83 1.50
CA ASP D 7 17.07 7.26 1.83
C ASP D 7 17.65 8.16 0.74
N LEU D 8 18.74 7.72 0.11
CA LEU D 8 19.30 8.42 -1.04
C LEU D 8 18.36 8.35 -2.24
N TRP D 9 17.80 7.16 -2.49
CA TRP D 9 16.89 6.95 -3.63
C TRP D 9 15.67 7.86 -3.58
N LYS D 10 15.13 8.09 -2.38
CA LYS D 10 13.92 8.87 -2.20
C LYS D 10 14.15 10.38 -2.38
N LEU D 11 15.41 10.80 -2.43
CA LEU D 11 15.77 12.18 -2.73
C LEU D 11 15.76 12.51 -4.24
N LEU D 12 15.59 11.49 -5.07
CA LEU D 12 15.50 11.71 -6.51
C LEU D 12 14.29 12.58 -6.85
N PRO D 13 14.51 13.68 -7.59
CA PRO D 13 13.42 14.56 -8.02
C PRO D 13 12.49 13.88 -9.03
N ILE E 14 -19.03 18.49 -8.45
CA ILE E 14 -18.66 18.05 -9.83
C ILE E 14 -19.69 17.10 -10.41
N ARG E 15 -19.87 17.14 -11.73
CA ARG E 15 -20.86 16.30 -12.41
C ARG E 15 -20.40 14.84 -12.48
N THR E 16 -19.18 14.63 -12.96
CA THR E 16 -18.64 13.29 -13.17
C THR E 16 -17.30 13.14 -12.48
N LEU E 17 -17.16 12.07 -11.69
CA LEU E 17 -15.89 11.75 -11.04
C LEU E 17 -14.89 11.26 -12.09
N PRO E 18 -13.74 11.95 -12.20
CA PRO E 18 -12.70 11.53 -13.14
C PRO E 18 -11.98 10.29 -12.64
N GLY E 19 -11.45 9.47 -13.55
CA GLY E 19 -10.86 8.20 -13.15
C GLY E 19 -9.75 7.68 -14.04
N GLU E 20 -8.78 8.54 -14.33
CA GLU E 20 -7.59 8.14 -15.09
C GLU E 20 -6.36 8.74 -14.44
N GLY E 21 -6.17 8.40 -13.16
CA GLY E 21 -5.11 8.99 -12.35
C GLY E 21 -5.27 10.48 -12.13
N THR E 22 -6.38 11.04 -12.63
CA THR E 22 -6.69 12.47 -12.46
C THR E 22 -6.71 12.82 -10.99
N GLN E 23 -6.02 13.90 -10.64
CA GLN E 23 -5.82 14.28 -9.26
C GLN E 23 -6.95 15.14 -8.73
N VAL E 24 -7.32 14.89 -7.48
CA VAL E 24 -8.37 15.64 -6.78
C VAL E 24 -7.89 16.11 -5.40
N HIS E 25 -8.49 17.21 -4.93
CA HIS E 25 -8.21 17.75 -3.63
C HIS E 25 -9.47 17.67 -2.76
N PRO E 26 -9.43 16.86 -1.68
CA PRO E 26 -10.65 16.71 -0.91
C PRO E 26 -10.91 17.92 0.00
N ARG E 27 -12.19 18.28 0.12
CA ARG E 27 -12.59 19.33 1.07
C ARG E 27 -12.28 18.85 2.48
N ALA E 28 -11.99 19.81 3.37
CA ALA E 28 -11.57 19.56 4.75
C ALA E 28 -12.28 18.45 5.55
N PRO E 29 -13.63 18.41 5.53
CA PRO E 29 -14.31 17.33 6.27
C PRO E 29 -13.97 15.92 5.75
N LEU E 30 -13.94 15.76 4.43
CA LEU E 30 -13.54 14.51 3.80
C LEU E 30 -12.07 14.17 4.07
N LEU E 31 -11.20 15.15 3.86
CA LEU E 31 -9.77 14.99 4.14
C LEU E 31 -9.50 14.49 5.55
N GLN E 32 -10.28 15.00 6.51
CA GLN E 32 -10.13 14.62 7.91
C GLN E 32 -10.38 13.13 8.14
N ILE E 33 -11.39 12.60 7.45
CA ILE E 33 -11.71 11.17 7.49
C ILE E 33 -10.64 10.29 6.86
N LEU E 34 -10.10 10.73 5.72
CA LEU E 34 -9.02 9.99 5.04
C LEU E 34 -7.76 9.95 5.88
N LYS E 35 -7.51 11.02 6.65
CA LYS E 35 -6.38 11.07 7.58
C LYS E 35 -6.55 10.10 8.73
N VAL E 36 -7.76 10.01 9.27
CA VAL E 36 -8.06 9.02 10.31
C VAL E 36 -7.78 7.63 9.72
N ALA E 37 -8.17 7.44 8.47
CA ALA E 37 -7.97 6.18 7.73
C ALA E 37 -6.51 5.89 7.37
N GLY E 38 -5.61 6.85 7.56
CA GLY E 38 -4.18 6.61 7.33
C GLY E 38 -3.50 7.44 6.25
N ALA E 39 -4.32 8.13 5.43
CA ALA E 39 -3.82 8.90 4.29
C ALA E 39 -2.77 9.93 4.67
N GLN E 40 -1.68 9.96 3.90
CA GLN E 40 -0.54 10.84 4.15
C GLN E 40 -0.52 12.01 3.17
N GLU E 41 -0.98 11.73 1.95
CA GLU E 41 -1.04 12.69 0.85
C GLU E 41 -2.07 13.80 1.12
N GLU E 42 -1.90 14.94 0.46
CA GLU E 42 -2.92 15.98 0.45
C GLU E 42 -3.66 15.99 -0.90
N VAL E 43 -3.02 15.38 -1.89
CA VAL E 43 -3.62 15.19 -3.22
C VAL E 43 -3.87 13.70 -3.44
N PHE E 44 -4.96 13.38 -4.14
CA PHE E 44 -5.43 12.00 -4.33
C PHE E 44 -5.94 11.75 -5.74
N THR E 45 -6.05 10.47 -6.11
CA THR E 45 -6.94 10.07 -7.20
C THR E 45 -8.25 9.64 -6.55
N VAL E 46 -9.29 9.42 -7.35
CA VAL E 46 -10.57 8.93 -6.84
C VAL E 46 -10.44 7.51 -6.30
N LYS E 47 -9.63 6.68 -6.97
CA LYS E 47 -9.35 5.32 -6.52
C LYS E 47 -8.76 5.28 -5.11
N GLU E 48 -7.82 6.19 -4.83
CA GLU E 48 -7.18 6.28 -3.52
C GLU E 48 -8.13 6.76 -2.42
N VAL E 49 -9.02 7.69 -2.77
CA VAL E 49 -10.05 8.17 -1.84
C VAL E 49 -11.00 7.01 -1.50
N MET E 50 -11.39 6.24 -2.51
CA MET E 50 -12.24 5.06 -2.31
C MET E 50 -11.57 4.00 -1.42
N HIS E 51 -10.27 3.80 -1.63
CA HIS E 51 -9.45 2.91 -0.79
C HIS E 51 -9.49 3.37 0.67
N TYR E 52 -9.20 4.65 0.90
CA TYR E 52 -9.20 5.20 2.26
C TYR E 52 -10.59 5.21 2.91
N LEU E 53 -11.63 5.32 2.09
CA LEU E 53 -13.00 5.17 2.58
C LEU E 53 -13.29 3.77 3.15
N GLY E 54 -12.94 2.72 2.40
CA GLY E 54 -13.11 1.34 2.88
C GLY E 54 -12.30 1.03 4.13
N GLN E 55 -11.04 1.48 4.13
CA GLN E 55 -10.18 1.43 5.33
C GLN E 55 -10.83 2.02 6.57
N TYR E 56 -11.38 3.24 6.41
CA TYR E 56 -12.05 3.95 7.49
C TYR E 56 -13.23 3.15 8.07
N ILE E 57 -14.10 2.66 7.18
CA ILE E 57 -15.25 1.84 7.56
C ILE E 57 -14.79 0.52 8.23
N MET E 58 -13.74 -0.08 7.67
CA MET E 58 -13.15 -1.29 8.21
C MET E 58 -12.54 -1.09 9.58
N MET E 59 -11.74 -0.04 9.76
CA MET E 59 -11.07 0.16 11.04
C MET E 59 -12.00 0.61 12.16
N LYS E 60 -13.05 1.36 11.82
CA LYS E 60 -14.05 1.76 12.79
C LYS E 60 -15.20 0.75 12.88
N GLN E 61 -15.12 -0.32 12.07
CA GLN E 61 -16.09 -1.42 12.10
C GLN E 61 -17.53 -0.91 11.89
N LEU E 62 -17.71 -0.08 10.87
CA LEU E 62 -19.00 0.56 10.65
C LEU E 62 -20.00 -0.38 9.96
N TYR E 63 -19.47 -1.39 9.27
CA TYR E 63 -20.30 -2.37 8.56
C TYR E 63 -21.09 -3.19 9.58
N ASP E 64 -22.29 -3.61 9.17
CA ASP E 64 -23.09 -4.54 9.96
C ASP E 64 -22.34 -5.85 10.09
N LYS E 65 -22.32 -6.39 11.31
CA LYS E 65 -21.59 -7.63 11.60
C LYS E 65 -22.15 -8.88 10.92
N GLN E 66 -23.49 -9.02 10.87
CA GLN E 66 -24.14 -10.16 10.22
C GLN E 66 -24.34 -9.95 8.71
N ARG E 67 -24.57 -8.71 8.29
CA ARG E 67 -24.91 -8.40 6.90
C ARG E 67 -23.98 -7.31 6.40
N GLN E 68 -22.82 -7.73 5.89
CA GLN E 68 -21.62 -6.87 5.83
C GLN E 68 -21.55 -5.86 4.70
N HIS E 69 -22.55 -5.90 3.82
CA HIS E 69 -22.73 -4.90 2.76
C HIS E 69 -23.42 -3.65 3.31
N ILE E 70 -23.97 -3.73 4.52
CA ILE E 70 -24.64 -2.59 5.18
C ILE E 70 -23.64 -1.86 6.08
N VAL E 71 -23.53 -0.56 5.90
CA VAL E 71 -22.65 0.26 6.69
C VAL E 71 -23.54 1.18 7.52
N HIS E 72 -23.29 1.22 8.82
CA HIS E 72 -24.05 2.04 9.76
C HIS E 72 -23.19 3.23 10.15
N CYS E 73 -23.44 4.37 9.50
CA CYS E 73 -22.59 5.54 9.64
C CYS E 73 -23.25 6.67 10.44
N HIS E 74 -24.39 6.37 11.05
CA HIS E 74 -25.04 7.30 11.97
C HIS E 74 -24.16 7.46 13.20
N ASP E 75 -24.12 8.66 13.76
CA ASP E 75 -23.28 8.93 14.93
C ASP E 75 -21.79 8.77 14.59
N ASP E 76 -21.46 9.01 13.33
CA ASP E 76 -20.06 9.01 12.89
C ASP E 76 -19.88 10.14 11.90
N PRO E 77 -18.71 10.82 11.95
CA PRO E 77 -18.40 11.87 10.98
C PRO E 77 -18.67 11.50 9.53
N LEU E 78 -18.59 10.21 9.19
CA LEU E 78 -18.84 9.77 7.82
C LEU E 78 -20.32 9.93 7.44
N GLY E 79 -21.24 9.63 8.34
CA GLY E 79 -22.67 9.84 8.11
C GLY E 79 -23.03 11.30 7.91
N GLU E 80 -22.31 12.18 8.62
CA GLU E 80 -22.44 13.63 8.45
C GLU E 80 -22.12 14.07 7.02
N LEU E 81 -21.10 13.45 6.41
CA LEU E 81 -20.75 13.74 5.01
C LEU E 81 -21.72 13.11 4.03
N LEU E 82 -22.12 11.88 4.32
CA LEU E 82 -23.01 11.13 3.43
C LEU E 82 -24.47 11.58 3.49
N GLU E 83 -24.87 12.16 4.63
CA GLU E 83 -26.23 12.67 4.86
C GLU E 83 -27.27 11.56 4.99
N VAL E 84 -26.79 10.36 5.32
CA VAL E 84 -27.63 9.19 5.55
C VAL E 84 -27.12 8.44 6.78
N GLY E 85 -28.02 7.76 7.48
CA GLY E 85 -27.69 6.96 8.66
C GLY E 85 -27.08 5.60 8.33
N SER E 86 -27.39 5.08 7.14
CA SER E 86 -26.81 3.84 6.66
C SER E 86 -26.89 3.75 5.15
N PHE E 87 -26.06 2.88 4.59
CA PHE E 87 -26.07 2.60 3.16
C PHE E 87 -25.59 1.17 2.88
N SER E 88 -25.96 0.68 1.71
CA SER E 88 -25.52 -0.61 1.20
C SER E 88 -24.39 -0.36 0.21
N VAL E 89 -23.30 -1.14 0.28
CA VAL E 89 -22.24 -0.99 -0.74
C VAL E 89 -22.71 -1.50 -2.12
N LYS E 90 -23.81 -2.25 -2.13
CA LYS E 90 -24.49 -2.61 -3.39
C LYS E 90 -25.43 -1.50 -3.91
N ASN E 91 -25.61 -0.43 -3.11
CA ASN E 91 -26.39 0.76 -3.49
C ASN E 91 -25.51 1.98 -3.16
N PRO E 92 -24.38 2.14 -3.90
CA PRO E 92 -23.33 3.09 -3.50
C PRO E 92 -23.56 4.55 -3.87
N SER E 93 -24.70 4.88 -4.47
CA SER E 93 -24.99 6.26 -4.93
C SER E 93 -24.71 7.43 -3.96
N PRO E 94 -25.15 7.35 -2.67
CA PRO E 94 -24.82 8.43 -1.73
C PRO E 94 -23.31 8.62 -1.51
N LEU E 95 -22.55 7.56 -1.74
CA LEU E 95 -21.10 7.61 -1.67
C LEU E 95 -20.52 8.46 -2.79
N TYR E 96 -20.95 8.21 -4.03
CA TYR E 96 -20.47 8.99 -5.18
C TYR E 96 -20.97 10.43 -5.19
N GLU E 97 -22.19 10.64 -4.71
CA GLU E 97 -22.75 11.99 -4.61
C GLU E 97 -22.00 12.80 -3.56
N MET E 98 -21.72 12.18 -2.40
CA MET E 98 -20.86 12.79 -1.39
C MET E 98 -19.51 13.18 -2.01
N LEU E 99 -18.90 12.29 -2.78
CA LEU E 99 -17.61 12.58 -3.43
C LEU E 99 -17.66 13.77 -4.38
N LYS E 100 -18.78 13.92 -5.08
CA LYS E 100 -18.99 15.06 -5.98
C LYS E 100 -19.04 16.41 -5.24
N ARG E 101 -19.50 16.39 -3.99
CA ARG E 101 -19.59 17.62 -3.19
C ARG E 101 -18.30 17.91 -2.42
N ASN E 102 -17.42 16.92 -2.37
CA ASN E 102 -16.30 16.96 -1.44
C ASN E 102 -14.92 16.80 -2.11
N LEU E 103 -14.91 16.73 -3.44
CA LEU E 103 -13.67 16.70 -4.19
C LEU E 103 -13.56 17.91 -5.12
N VAL E 104 -12.37 18.51 -5.12
CA VAL E 104 -12.03 19.59 -6.04
C VAL E 104 -10.98 19.06 -7.04
N ILE E 105 -11.33 19.08 -8.32
CA ILE E 105 -10.43 18.60 -9.38
C ILE E 105 -9.26 19.58 -9.57
N LEU E 106 -8.09 19.05 -9.92
CA LEU E 106 -6.89 19.86 -10.06
C LEU E 106 -6.45 20.05 -11.51
N GLU F 3 -19.40 -11.98 1.27
CA GLU F 3 -19.56 -12.40 2.69
C GLU F 3 -18.94 -11.35 3.61
N THR F 4 -17.72 -10.94 3.29
CA THR F 4 -16.97 -10.03 4.16
C THR F 4 -17.01 -8.58 3.62
N PHE F 5 -17.02 -7.61 4.52
CA PHE F 5 -17.07 -6.21 4.08
C PHE F 5 -15.97 -5.90 3.07
N SER F 6 -14.73 -6.30 3.38
CA SER F 6 -13.61 -6.00 2.50
C SER F 6 -13.73 -6.68 1.12
N ASP F 7 -14.22 -7.92 1.10
CA ASP F 7 -14.55 -8.61 -0.17
C ASP F 7 -15.53 -7.78 -1.00
N LEU F 8 -16.61 -7.35 -0.37
CA LEU F 8 -17.64 -6.53 -1.00
C LEU F 8 -17.15 -5.13 -1.44
N TRP F 9 -16.31 -4.52 -0.62
CA TRP F 9 -15.76 -3.21 -0.96
C TRP F 9 -14.81 -3.26 -2.18
N LYS F 10 -14.08 -4.37 -2.32
CA LYS F 10 -13.21 -4.60 -3.49
C LYS F 10 -13.96 -4.53 -4.80
N LEU F 11 -15.22 -4.98 -4.79
CA LEU F 11 -16.05 -5.07 -6.00
C LEU F 11 -16.61 -3.74 -6.49
N LEU F 12 -16.70 -2.75 -5.60
CA LEU F 12 -17.32 -1.46 -5.93
C LEU F 12 -16.91 -0.93 -7.30
N PRO F 13 -17.91 -0.56 -8.14
CA PRO F 13 -17.65 0.10 -9.43
C PRO F 13 -16.98 1.45 -9.27
#